data_7MWV
#
_entry.id   7MWV
#
_cell.length_a   72.991
_cell.length_b   141.738
_cell.length_c   146.299
_cell.angle_alpha   90.000
_cell.angle_beta   90.000
_cell.angle_gamma   90.000
#
_symmetry.space_group_name_H-M   'I 2 2 2'
#
loop_
_entity.id
_entity.type
_entity.pdbx_description
1 polymer 'Bifunctional protein PutA'
2 non-polymer 'FLAVIN-ADENINE DINUCLEOTIDE'
3 non-polymer 'cyclopropanecarboxylic acid'
4 non-polymer 'TETRAETHYLENE GLYCOL'
5 non-polymer 'PENTAETHYLENE GLYCOL'
6 water water
#
_entity_poly.entity_id   1
_entity_poly.type   'polypeptide(L)'
_entity_poly.pdbx_seq_one_letter_code
;LPQSVSRAAITAAYRRPETEAVSMLLEQARLPQPVAEQAHKLAYQLADKLRNQKNASGRAGMVQGLLQEFSLSSQEGVAL
MCLAEALLRIPDKATRDALIRDKISNGNWQSHIGRSPSLFVNAATWGLLFTGKLVSTHNEASLSRSLNRIIGKSGEPLIR
KGVDMAMRLMGEQFVTGETIAEALANARKLEEKGFRYSYDMLGEAALTAADAQAYMVSYQQAIHAIGKASNGRGIYEGPG
ISIKLSALHPRYSRAQYDRVMEELYPRLKSLTLLARQYDIGINIDAEESDRLEISLDLLEKLCFEPELAGWNGIGFVIQA
YQKRCPLVIDYLIDLATRSRRRLMIRLVKGAYWDSEIKRAQMDGLEGYPVYTRKVYTDVSYLACAKKLLAVPNLIYPQFA
THNAHTLAAIYQLAGQNYYPGQYEFQCLHGMGEPLYEQVTGKVADGKLNRPCRIYAPVGTHETLLAYLVRRLLENGANTS
FVNRIADTSLPLDELVADPVTAVEKLAQQEGQTGLPHPKIPLPRDLYGHGRDNSAGLDLANEHRLHHHHHH
;
_entity_poly.pdbx_strand_id   A
#
loop_
_chem_comp.id
_chem_comp.type
_chem_comp.name
_chem_comp.formula
1PE non-polymer 'PENTAETHYLENE GLYCOL' 'C10 H22 O6'
FAD non-polymer 'FLAVIN-ADENINE DINUCLEOTIDE' 'C27 H33 N9 O15 P2'
PG4 non-polymer 'TETRAETHYLENE GLYCOL' 'C8 H18 O5'
ZPJ non-polymer 'cyclopropanecarboxylic acid' 'C4 H6 O2'
#
# COMPACT_ATOMS: atom_id res chain seq x y z
N GLN A 3 28.61 -3.66 17.51
CA GLN A 3 27.75 -4.02 16.38
C GLN A 3 28.55 -4.62 15.23
N SER A 4 27.87 -5.39 14.39
CA SER A 4 28.49 -5.88 13.18
C SER A 4 28.64 -4.74 12.17
N VAL A 5 29.37 -5.01 11.09
CA VAL A 5 29.60 -3.99 10.07
C VAL A 5 28.27 -3.52 9.49
N SER A 6 27.41 -4.45 9.10
CA SER A 6 26.15 -4.05 8.48
C SER A 6 25.18 -3.43 9.50
N ARG A 7 25.20 -3.89 10.75
CA ARG A 7 24.34 -3.28 11.76
C ARG A 7 24.82 -1.87 12.11
N ALA A 8 26.14 -1.67 12.18
CA ALA A 8 26.67 -0.34 12.44
C ALA A 8 26.27 0.65 11.35
N ALA A 9 26.29 0.20 10.09
CA ALA A 9 25.96 1.11 9.01
C ALA A 9 24.49 1.52 9.05
N ILE A 10 23.61 0.61 9.49
CA ILE A 10 22.21 0.95 9.67
C ILE A 10 22.09 2.11 10.67
N THR A 11 22.66 1.94 11.85
CA THR A 11 22.58 2.96 12.89
C THR A 11 23.09 4.31 12.38
N ALA A 12 24.15 4.29 11.57
CA ALA A 12 24.75 5.54 11.12
C ALA A 12 23.84 6.29 10.15
N ALA A 13 23.01 5.58 9.39
CA ALA A 13 22.16 6.23 8.40
C ALA A 13 20.81 6.69 8.96
N TYR A 14 20.54 6.45 10.24
CA TYR A 14 19.23 6.66 10.85
C TYR A 14 18.55 7.95 10.38
N ARG A 15 19.20 9.10 10.57
CA ARG A 15 18.63 10.39 10.18
C ARG A 15 19.58 11.14 9.25
N ARG A 16 20.15 10.41 8.30
CA ARG A 16 21.06 10.97 7.31
C ARG A 16 20.42 12.17 6.63
N PRO A 17 21.17 13.27 6.43
CA PRO A 17 20.60 14.42 5.73
C PRO A 17 20.03 14.02 4.37
N GLU A 18 18.94 14.68 3.99
CA GLU A 18 18.19 14.25 2.83
C GLU A 18 18.96 14.49 1.53
N THR A 19 19.73 15.58 1.46
CA THR A 19 20.52 15.80 0.25
C THR A 19 21.50 14.66 0.05
N GLU A 20 22.12 14.21 1.13
CA GLU A 20 23.10 13.13 1.05
C GLU A 20 22.43 11.80 0.69
N ALA A 21 21.32 11.48 1.36
CA ALA A 21 20.67 10.20 1.13
C ALA A 21 20.11 10.10 -0.29
N VAL A 22 19.46 11.17 -0.77
CA VAL A 22 18.90 11.14 -2.11
C VAL A 22 20.03 11.10 -3.15
N SER A 23 21.07 11.90 -2.96
CA SER A 23 22.19 11.91 -3.89
C SER A 23 22.82 10.52 -4.03
N MET A 24 22.88 9.76 -2.93
CA MET A 24 23.50 8.44 -2.96
C MET A 24 22.62 7.42 -3.67
N LEU A 25 21.30 7.62 -3.67
CA LEU A 25 20.43 6.61 -4.24
C LEU A 25 20.14 6.83 -5.71
N LEU A 26 20.41 8.04 -6.22
CA LEU A 26 19.94 8.41 -7.55
C LEU A 26 20.44 7.43 -8.61
N GLU A 27 21.75 7.21 -8.66
CA GLU A 27 22.29 6.34 -9.70
C GLU A 27 21.92 4.87 -9.48
N GLN A 28 21.64 4.47 -8.23
CA GLN A 28 21.14 3.12 -8.00
C GLN A 28 19.71 2.97 -8.47
N ALA A 29 18.93 4.04 -8.46
CA ALA A 29 17.54 3.96 -8.88
C ALA A 29 17.35 4.19 -10.37
N ARG A 30 18.36 4.67 -11.09
CA ARG A 30 18.15 5.11 -12.46
C ARG A 30 17.95 3.92 -13.38
N LEU A 31 16.85 3.90 -14.12
CA LEU A 31 16.62 2.84 -15.10
C LEU A 31 17.39 3.14 -16.37
N PRO A 32 18.11 2.17 -16.93
CA PRO A 32 18.72 2.37 -18.25
C PRO A 32 17.66 2.82 -19.25
N GLN A 33 18.07 3.72 -20.15
CA GLN A 33 17.15 4.36 -21.10
C GLN A 33 16.19 3.39 -21.78
N PRO A 34 16.62 2.26 -22.36
CA PRO A 34 15.64 1.36 -22.99
C PRO A 34 14.69 0.75 -21.98
N VAL A 35 15.19 0.41 -20.78
CA VAL A 35 14.32 -0.08 -19.72
C VAL A 35 13.35 1.01 -19.26
N ALA A 36 13.83 2.24 -19.13
CA ALA A 36 12.97 3.35 -18.75
C ALA A 36 11.85 3.56 -19.77
N GLU A 37 12.19 3.44 -21.06
CA GLU A 37 11.18 3.59 -22.10
C GLU A 37 10.13 2.51 -22.00
N GLN A 38 10.55 1.24 -21.80
CA GLN A 38 9.58 0.17 -21.67
C GLN A 38 8.75 0.32 -20.41
N ALA A 39 9.36 0.76 -19.31
CA ALA A 39 8.58 0.97 -18.09
C ALA A 39 7.55 2.06 -18.29
N HIS A 40 7.91 3.13 -19.01
CA HIS A 40 6.97 4.22 -19.25
C HIS A 40 5.76 3.74 -20.05
N LYS A 41 6.01 3.00 -21.15
CA LYS A 41 4.91 2.54 -21.99
C LYS A 41 3.98 1.62 -21.23
N LEU A 42 4.55 0.69 -20.45
CA LEU A 42 3.71 -0.22 -19.67
C LEU A 42 2.96 0.53 -18.58
N ALA A 43 3.64 1.42 -17.87
CA ALA A 43 2.98 2.23 -16.84
C ALA A 43 1.84 3.04 -17.44
N TYR A 44 2.11 3.72 -18.56
CA TYR A 44 1.07 4.48 -19.25
C TYR A 44 -0.12 3.58 -19.60
N GLN A 45 0.15 2.40 -20.15
CA GLN A 45 -0.91 1.48 -20.54
C GLN A 45 -1.74 1.03 -19.34
N LEU A 46 -1.07 0.65 -18.25
CA LEU A 46 -1.77 0.21 -17.06
C LEU A 46 -2.65 1.32 -16.51
N ALA A 47 -2.11 2.54 -16.46
CA ALA A 47 -2.84 3.65 -15.87
C ALA A 47 -3.98 4.10 -16.78
N ASP A 48 -3.78 4.01 -18.10
CA ASP A 48 -4.85 4.35 -19.04
C ASP A 48 -6.07 3.47 -18.82
N LYS A 49 -5.86 2.15 -18.76
CA LYS A 49 -6.97 1.23 -18.53
C LYS A 49 -7.61 1.44 -17.17
N LEU A 50 -6.84 1.88 -16.18
CA LEU A 50 -7.41 2.21 -14.88
C LEU A 50 -8.42 3.35 -15.00
N ARG A 51 -7.97 4.50 -15.50
CA ARG A 51 -8.85 5.66 -15.65
C ARG A 51 -10.03 5.35 -16.55
N ASN A 52 -9.76 4.83 -17.75
CA ASN A 52 -10.77 4.71 -18.77
C ASN A 52 -11.59 3.43 -18.63
N GLN A 53 -11.60 2.83 -17.44
CA GLN A 53 -12.58 1.80 -17.13
C GLN A 53 -13.97 2.39 -17.30
N LYS A 54 -14.81 1.69 -18.07
CA LYS A 54 -16.13 2.19 -18.45
C LYS A 54 -16.03 3.51 -19.21
N ASN A 55 -14.91 3.71 -19.91
CA ASN A 55 -14.73 4.83 -20.84
C ASN A 55 -14.87 6.18 -20.16
N ALA A 56 -14.27 6.31 -18.97
CA ALA A 56 -14.42 7.56 -18.21
C ALA A 56 -13.86 8.76 -18.96
N SER A 57 -12.71 8.58 -19.62
CA SER A 57 -12.11 9.70 -20.35
C SER A 57 -12.87 9.99 -21.65
N GLY A 58 -13.14 8.95 -22.44
CA GLY A 58 -13.85 9.18 -23.69
C GLY A 58 -15.21 9.80 -23.49
N ARG A 59 -15.92 9.40 -22.43
CA ARG A 59 -17.20 10.02 -22.11
C ARG A 59 -17.02 11.47 -21.69
N ALA A 60 -16.01 11.74 -20.87
CA ALA A 60 -15.72 13.12 -20.49
C ALA A 60 -15.37 13.97 -21.70
N GLY A 61 -14.74 13.37 -22.71
CA GLY A 61 -14.42 14.09 -23.94
C GLY A 61 -15.66 14.56 -24.66
N MET A 62 -16.55 13.63 -25.01
CA MET A 62 -17.82 14.00 -25.62
C MET A 62 -18.59 15.00 -24.76
N VAL A 63 -18.42 14.92 -23.44
CA VAL A 63 -19.08 15.86 -22.54
C VAL A 63 -18.62 17.27 -22.84
N GLN A 64 -17.32 17.54 -22.67
CA GLN A 64 -16.80 18.89 -22.88
C GLN A 64 -16.98 19.33 -24.33
N GLY A 65 -16.96 18.38 -25.28
CA GLY A 65 -17.15 18.75 -26.67
C GLY A 65 -18.48 19.43 -26.94
N LEU A 66 -19.52 19.02 -26.21
CA LEU A 66 -20.81 19.69 -26.33
C LEU A 66 -20.88 20.94 -25.46
N LEU A 67 -20.10 21.00 -24.38
CA LEU A 67 -20.02 22.23 -23.59
C LEU A 67 -19.45 23.38 -24.41
N GLN A 68 -18.59 23.05 -25.39
CA GLN A 68 -17.98 24.07 -26.24
C GLN A 68 -18.90 24.48 -27.38
N GLU A 69 -19.29 23.52 -28.23
CA GLU A 69 -20.01 23.82 -29.48
C GLU A 69 -21.25 24.69 -29.27
N PHE A 70 -21.77 24.76 -28.05
CA PHE A 70 -22.94 25.59 -27.76
C PHE A 70 -22.64 26.72 -26.78
N SER A 71 -21.39 26.87 -26.34
CA SER A 71 -21.00 27.91 -25.38
C SER A 71 -21.85 27.81 -24.11
N LEU A 72 -22.03 26.58 -23.62
CA LEU A 72 -22.88 26.32 -22.48
C LEU A 72 -22.05 26.14 -21.21
N SER A 73 -22.63 26.56 -20.09
CA SER A 73 -22.00 26.35 -18.78
C SER A 73 -22.02 24.87 -18.43
N SER A 74 -21.40 24.54 -17.29
CA SER A 74 -21.51 23.19 -16.77
C SER A 74 -22.87 22.96 -16.13
N GLN A 75 -23.38 23.98 -15.41
CA GLN A 75 -24.75 23.94 -14.93
C GLN A 75 -25.75 23.94 -16.07
N GLU A 76 -25.43 24.66 -17.16
CA GLU A 76 -26.24 24.59 -18.36
C GLU A 76 -26.11 23.24 -19.07
N GLY A 77 -25.01 22.53 -18.86
CA GLY A 77 -24.86 21.23 -19.49
C GLY A 77 -25.75 20.17 -18.84
N VAL A 78 -25.74 20.10 -17.52
CA VAL A 78 -26.56 19.12 -16.80
C VAL A 78 -28.03 19.30 -17.12
N ALA A 79 -28.52 20.54 -17.06
CA ALA A 79 -29.93 20.78 -17.31
C ALA A 79 -30.33 20.35 -18.71
N LEU A 80 -29.43 20.45 -19.68
CA LEU A 80 -29.75 20.01 -21.03
C LEU A 80 -29.87 18.48 -21.09
N MET A 81 -28.97 17.78 -20.41
CA MET A 81 -29.06 16.32 -20.40
C MET A 81 -30.32 15.84 -19.70
N CYS A 82 -30.75 16.54 -18.64
CA CYS A 82 -31.97 16.15 -17.94
C CYS A 82 -33.19 16.26 -18.84
N LEU A 83 -33.28 17.34 -19.63
CA LEU A 83 -34.35 17.46 -20.60
C LEU A 83 -34.21 16.44 -21.72
N ALA A 84 -32.98 16.25 -22.20
CA ALA A 84 -32.71 15.22 -23.21
C ALA A 84 -33.13 13.84 -22.72
N GLU A 85 -32.85 13.53 -21.45
CA GLU A 85 -33.28 12.25 -20.89
C GLU A 85 -34.80 12.14 -20.86
N ALA A 86 -35.48 13.22 -20.45
CA ALA A 86 -36.94 13.17 -20.39
C ALA A 86 -37.54 13.07 -21.78
N LEU A 87 -36.87 13.62 -22.80
CA LEU A 87 -37.39 13.49 -24.15
C LEU A 87 -37.20 12.06 -24.67
N LEU A 88 -36.05 11.46 -24.36
CA LEU A 88 -35.81 10.08 -24.77
C LEU A 88 -36.75 9.08 -24.07
N ARG A 89 -37.50 9.50 -23.06
CA ARG A 89 -38.49 8.64 -22.41
C ARG A 89 -39.86 8.74 -23.03
N ILE A 90 -40.09 9.65 -23.97
CA ILE A 90 -41.32 9.64 -24.76
C ILE A 90 -41.24 8.46 -25.70
N PRO A 91 -42.22 7.54 -25.68
CA PRO A 91 -42.02 6.26 -26.39
C PRO A 91 -41.94 6.39 -27.90
N ASP A 92 -42.80 7.20 -28.50
CA ASP A 92 -42.92 7.25 -29.96
C ASP A 92 -42.17 8.46 -30.50
N LYS A 93 -41.37 8.23 -31.54
CA LYS A 93 -40.48 9.28 -32.03
C LYS A 93 -41.25 10.43 -32.64
N ALA A 94 -42.38 10.14 -33.30
CA ALA A 94 -43.16 11.22 -33.89
C ALA A 94 -43.66 12.19 -32.83
N THR A 95 -44.05 11.67 -31.66
CA THR A 95 -44.50 12.55 -30.58
C THR A 95 -43.33 13.34 -30.00
N ARG A 96 -42.19 12.69 -29.82
CA ARG A 96 -41.01 13.37 -29.31
C ARG A 96 -40.53 14.46 -30.26
N ASP A 97 -40.52 14.18 -31.57
CA ASP A 97 -40.10 15.18 -32.55
C ASP A 97 -41.08 16.35 -32.57
N ALA A 98 -42.38 16.05 -32.59
CA ALA A 98 -43.39 17.10 -32.65
C ALA A 98 -43.35 17.99 -31.40
N LEU A 99 -43.05 17.40 -30.24
CA LEU A 99 -42.93 18.20 -29.02
C LEU A 99 -41.74 19.13 -29.11
N ILE A 100 -40.61 18.64 -29.60
CA ILE A 100 -39.40 19.46 -29.71
C ILE A 100 -39.63 20.62 -30.67
N ARG A 101 -40.22 20.34 -31.83
CA ARG A 101 -40.38 21.38 -32.84
C ARG A 101 -41.42 22.40 -32.43
N ASP A 102 -42.61 21.95 -32.04
CA ASP A 102 -43.77 22.81 -31.88
C ASP A 102 -43.97 23.37 -30.48
N LYS A 103 -43.09 23.06 -29.51
CA LYS A 103 -43.35 23.57 -28.16
C LYS A 103 -42.14 23.63 -27.25
N ILE A 104 -40.91 23.59 -27.75
CA ILE A 104 -39.74 23.59 -26.87
C ILE A 104 -38.63 24.48 -27.42
N LEU A 119 -38.35 16.55 -13.19
CA LEU A 119 -37.63 16.58 -14.45
C LEU A 119 -36.14 16.35 -14.25
N PHE A 120 -35.59 16.91 -13.18
CA PHE A 120 -34.17 16.85 -12.89
C PHE A 120 -33.84 15.76 -11.87
N VAL A 121 -34.53 14.63 -11.93
CA VAL A 121 -34.33 13.54 -10.99
C VAL A 121 -32.86 13.12 -11.01
N ASN A 122 -32.43 12.53 -12.12
CA ASN A 122 -31.05 12.06 -12.27
C ASN A 122 -30.06 13.20 -12.53
N ALA A 123 -30.39 14.44 -12.16
CA ALA A 123 -29.45 15.55 -12.38
C ALA A 123 -28.13 15.32 -11.66
N ALA A 124 -28.17 14.67 -10.50
CA ALA A 124 -26.94 14.37 -9.77
C ALA A 124 -26.03 13.45 -10.57
N THR A 125 -26.60 12.41 -11.19
CA THR A 125 -25.79 11.47 -11.96
C THR A 125 -25.17 12.13 -13.17
N TRP A 126 -25.93 13.03 -13.85
CA TRP A 126 -25.39 13.74 -15.00
C TRP A 126 -24.24 14.66 -14.59
N GLY A 127 -24.39 15.35 -13.46
CA GLY A 127 -23.33 16.23 -12.98
C GLY A 127 -22.02 15.52 -12.73
N LEU A 128 -22.07 14.22 -12.45
CA LEU A 128 -20.85 13.45 -12.27
C LEU A 128 -20.04 13.34 -13.55
N LEU A 129 -20.68 13.47 -14.72
CA LEU A 129 -19.94 13.53 -15.96
C LEU A 129 -19.24 14.86 -16.18
N PHE A 130 -19.55 15.87 -15.34
CA PHE A 130 -18.95 17.20 -15.44
C PHE A 130 -18.25 17.61 -14.15
N ALA A 141 -23.28 24.20 3.19
CA ALA A 141 -23.33 25.56 3.74
C ALA A 141 -24.34 25.65 4.88
N SER A 142 -25.48 24.99 4.71
CA SER A 142 -26.43 24.84 5.81
C SER A 142 -26.20 23.58 6.62
N LEU A 143 -25.44 22.62 6.08
CA LEU A 143 -25.04 21.47 6.88
C LEU A 143 -24.18 21.89 8.08
N SER A 144 -23.50 23.03 7.96
CA SER A 144 -22.80 23.59 9.12
C SER A 144 -23.78 23.98 10.22
N ARG A 145 -24.92 24.58 9.84
CA ARG A 145 -25.96 24.89 10.81
C ARG A 145 -26.53 23.62 11.43
N SER A 146 -26.82 22.61 10.59
CA SER A 146 -27.31 21.34 11.09
C SER A 146 -26.27 20.67 12.00
N LEU A 147 -24.99 20.93 11.75
CA LEU A 147 -23.94 20.34 12.58
C LEU A 147 -23.83 21.05 13.92
N ASN A 148 -23.77 22.39 13.92
CA ASN A 148 -23.67 23.13 15.17
C ASN A 148 -24.90 22.89 16.05
N ARG A 149 -26.07 22.75 15.43
CA ARG A 149 -27.28 22.45 16.20
C ARG A 149 -27.18 21.08 16.86
N ILE A 150 -26.82 20.05 16.09
CA ILE A 150 -26.86 18.68 16.60
C ILE A 150 -25.79 18.47 17.67
N ILE A 151 -24.65 19.14 17.54
CA ILE A 151 -23.53 18.91 18.46
C ILE A 151 -23.89 19.40 19.86
N GLY A 152 -24.14 20.71 20.00
CA GLY A 152 -24.45 21.26 21.31
C GLY A 152 -25.60 20.57 22.01
N LYS A 153 -26.58 20.10 21.24
CA LYS A 153 -27.68 19.33 21.81
C LYS A 153 -27.18 18.02 22.39
N SER A 154 -26.46 17.22 21.59
CA SER A 154 -26.16 15.84 21.95
C SER A 154 -24.73 15.63 22.44
N GLY A 155 -23.81 16.54 22.17
CA GLY A 155 -22.50 16.51 22.80
C GLY A 155 -21.54 15.42 22.30
N GLU A 156 -20.52 15.18 23.12
CA GLU A 156 -19.50 14.19 22.78
C GLU A 156 -20.04 12.79 22.50
N PRO A 157 -21.05 12.28 23.22
CA PRO A 157 -21.57 10.95 22.84
C PRO A 157 -22.01 10.86 21.39
N LEU A 158 -22.59 11.92 20.84
CA LEU A 158 -22.96 11.91 19.42
C LEU A 158 -21.71 11.89 18.53
N ILE A 159 -20.69 12.68 18.89
CA ILE A 159 -19.46 12.67 18.13
C ILE A 159 -18.82 11.29 18.15
N ARG A 160 -18.73 10.68 19.33
CA ARG A 160 -18.08 9.38 19.46
C ARG A 160 -18.80 8.30 18.65
N LYS A 161 -20.14 8.29 18.69
CA LYS A 161 -20.87 7.33 17.90
C LYS A 161 -20.72 7.60 16.40
N GLY A 162 -20.69 8.88 16.02
CA GLY A 162 -20.49 9.21 14.60
C GLY A 162 -19.12 8.79 14.10
N VAL A 163 -18.10 8.94 14.94
CA VAL A 163 -16.76 8.49 14.55
C VAL A 163 -16.71 6.98 14.43
N ASP A 164 -17.29 6.26 15.40
CA ASP A 164 -17.36 4.81 15.30
C ASP A 164 -18.13 4.37 14.06
N MET A 165 -19.22 5.08 13.75
CA MET A 165 -20.06 4.70 12.63
C MET A 165 -19.36 4.94 11.30
N ALA A 166 -18.77 6.12 11.14
CA ALA A 166 -18.06 6.42 9.91
C ALA A 166 -16.87 5.49 9.71
N MET A 167 -16.20 5.12 10.82
CA MET A 167 -15.10 4.17 10.72
C MET A 167 -15.56 2.84 10.14
N ARG A 168 -16.67 2.31 10.65
CA ARG A 168 -17.15 1.02 10.16
C ARG A 168 -17.61 1.10 8.71
N LEU A 169 -18.25 2.21 8.34
CA LEU A 169 -18.76 2.35 6.98
C LEU A 169 -17.62 2.48 5.98
N MET A 170 -16.64 3.33 6.28
CA MET A 170 -15.51 3.50 5.37
C MET A 170 -14.56 2.30 5.42
N GLY A 171 -14.52 1.59 6.55
CA GLY A 171 -13.56 0.52 6.71
C GLY A 171 -13.97 -0.78 6.08
N GLU A 172 -15.26 -0.95 5.81
CA GLU A 172 -15.78 -2.22 5.29
C GLU A 172 -15.07 -2.65 4.01
N GLN A 173 -14.79 -1.70 3.11
CA GLN A 173 -14.17 -2.04 1.84
C GLN A 173 -12.77 -2.60 2.02
N PHE A 174 -12.14 -2.38 3.16
CA PHE A 174 -10.76 -2.83 3.38
C PHE A 174 -10.65 -4.12 4.17
N VAL A 175 -11.78 -4.69 4.61
CA VAL A 175 -11.78 -5.87 5.47
C VAL A 175 -12.32 -7.06 4.68
N THR A 176 -11.58 -8.16 4.69
CA THR A 176 -12.00 -9.33 3.92
C THR A 176 -12.99 -10.22 4.66
N GLY A 177 -13.00 -10.18 5.99
CA GLY A 177 -13.98 -10.93 6.74
C GLY A 177 -13.81 -10.63 8.22
N GLU A 178 -14.86 -10.98 8.98
CA GLU A 178 -14.83 -10.74 10.42
C GLU A 178 -14.03 -11.80 11.17
N THR A 179 -13.96 -13.01 10.63
CA THR A 179 -13.23 -14.12 11.22
C THR A 179 -12.38 -14.79 10.15
N ILE A 180 -11.36 -15.54 10.58
CA ILE A 180 -10.46 -16.12 9.59
C ILE A 180 -11.18 -17.17 8.76
N ALA A 181 -12.16 -17.87 9.34
CA ALA A 181 -12.93 -18.83 8.56
C ALA A 181 -13.69 -18.14 7.43
N GLU A 182 -14.28 -16.99 7.70
CA GLU A 182 -15.02 -16.26 6.66
C GLU A 182 -14.09 -15.77 5.57
N ALA A 183 -12.96 -15.18 5.95
CA ALA A 183 -11.98 -14.74 4.96
C ALA A 183 -11.51 -15.91 4.10
N LEU A 184 -11.11 -17.01 4.74
CA LEU A 184 -10.60 -18.15 4.00
C LEU A 184 -11.65 -18.73 3.07
N ALA A 185 -12.92 -18.67 3.47
CA ALA A 185 -13.98 -19.24 2.64
C ALA A 185 -14.15 -18.46 1.35
N ASN A 186 -13.65 -17.23 1.28
CA ASN A 186 -13.74 -16.39 0.11
C ASN A 186 -12.50 -16.46 -0.78
N ALA A 187 -11.51 -17.28 -0.42
CA ALA A 187 -10.19 -17.18 -1.05
C ALA A 187 -10.15 -17.78 -2.45
N ARG A 188 -10.93 -18.82 -2.72
CA ARG A 188 -10.73 -19.61 -3.93
C ARG A 188 -10.99 -18.78 -5.19
N LYS A 189 -11.96 -17.86 -5.13
CA LYS A 189 -12.35 -17.06 -6.29
C LYS A 189 -11.15 -16.41 -6.95
N LEU A 190 -10.31 -15.74 -6.17
CA LEU A 190 -9.13 -15.11 -6.73
C LEU A 190 -7.93 -16.03 -6.75
N GLU A 191 -7.84 -16.99 -5.83
CA GLU A 191 -6.71 -17.91 -5.87
C GLU A 191 -6.72 -18.75 -7.14
N GLU A 192 -7.90 -19.09 -7.63
CA GLU A 192 -8.00 -19.83 -8.89
C GLU A 192 -7.64 -18.97 -10.08
N LYS A 193 -7.64 -17.65 -9.93
CA LYS A 193 -7.18 -16.76 -10.98
C LYS A 193 -5.68 -16.46 -10.88
N GLY A 194 -4.99 -17.02 -9.89
CA GLY A 194 -3.56 -16.86 -9.73
C GLY A 194 -3.15 -15.96 -8.58
N PHE A 195 -4.10 -15.38 -7.85
CA PHE A 195 -3.77 -14.54 -6.71
C PHE A 195 -3.37 -15.41 -5.51
N ARG A 196 -2.59 -14.80 -4.61
CA ARG A 196 -2.25 -15.41 -3.34
C ARG A 196 -2.78 -14.50 -2.22
N TYR A 197 -2.72 -14.98 -0.97
CA TYR A 197 -3.19 -14.20 0.17
C TYR A 197 -2.18 -14.18 1.30
N SER A 198 -2.14 -13.05 2.02
CA SER A 198 -1.53 -12.97 3.35
C SER A 198 -2.56 -12.39 4.30
N TYR A 199 -2.95 -13.14 5.32
CA TYR A 199 -4.02 -12.72 6.20
C TYR A 199 -3.48 -11.94 7.40
N ASP A 200 -4.14 -10.83 7.72
CA ASP A 200 -3.77 -9.94 8.81
C ASP A 200 -4.89 -9.93 9.83
N MET A 201 -4.65 -10.54 10.99
CA MET A 201 -5.59 -10.43 12.10
C MET A 201 -5.47 -9.02 12.67
N LEU A 202 -6.47 -8.19 12.40
CA LEU A 202 -6.41 -6.79 12.82
C LEU A 202 -6.23 -6.68 14.33
N GLY A 203 -5.49 -5.65 14.73
CA GLY A 203 -5.27 -5.41 16.15
C GLY A 203 -3.78 -5.21 16.37
N GLU A 204 -3.42 -4.20 17.15
CA GLU A 204 -2.03 -3.79 17.25
C GLU A 204 -1.88 -2.96 18.51
N ALA A 205 -0.63 -2.65 18.85
CA ALA A 205 -0.31 -1.78 19.98
C ALA A 205 -1.02 -2.24 21.26
N ALA A 206 -0.86 -3.52 21.58
CA ALA A 206 -1.43 -4.06 22.81
C ALA A 206 -1.04 -3.19 24.01
N LEU A 207 -2.04 -2.82 24.79
CA LEU A 207 -1.77 -1.97 25.95
C LEU A 207 -1.57 -2.75 27.24
N THR A 208 -2.17 -3.93 27.39
CA THR A 208 -2.08 -4.70 28.61
C THR A 208 -1.59 -6.11 28.32
N ALA A 209 -1.21 -6.82 29.38
CA ALA A 209 -0.83 -8.22 29.22
C ALA A 209 -1.98 -9.03 28.64
N ALA A 210 -3.20 -8.78 29.10
CA ALA A 210 -4.35 -9.53 28.61
C ALA A 210 -4.59 -9.27 27.13
N ASP A 211 -4.42 -8.01 26.68
CA ASP A 211 -4.56 -7.69 25.26
C ASP A 211 -3.59 -8.50 24.42
N ALA A 212 -2.33 -8.54 24.83
CA ALA A 212 -1.32 -9.21 24.02
C ALA A 212 -1.56 -10.70 23.99
N GLN A 213 -1.97 -11.27 25.12
CA GLN A 213 -2.32 -12.69 25.17
C GLN A 213 -3.47 -13.01 24.22
N ALA A 214 -4.48 -12.14 24.16
CA ALA A 214 -5.59 -12.37 23.24
C ALA A 214 -5.13 -12.31 21.79
N TYR A 215 -4.27 -11.36 21.44
CA TYR A 215 -3.75 -11.30 20.08
C TYR A 215 -2.96 -12.56 19.74
N MET A 216 -2.16 -13.04 20.70
CA MET A 216 -1.39 -14.27 20.49
C MET A 216 -2.32 -15.43 20.18
N VAL A 217 -3.40 -15.58 20.94
CA VAL A 217 -4.33 -16.68 20.70
C VAL A 217 -5.01 -16.52 19.35
N SER A 218 -5.33 -15.28 18.97
CA SER A 218 -5.94 -15.03 17.67
C SER A 218 -4.99 -15.40 16.53
N TYR A 219 -3.70 -15.09 16.67
CA TYR A 219 -2.73 -15.47 15.63
C TYR A 219 -2.60 -16.98 15.54
N GLN A 220 -2.52 -17.67 16.69
CA GLN A 220 -2.39 -19.12 16.69
C GLN A 220 -3.59 -19.78 16.01
N GLN A 221 -4.80 -19.41 16.42
CA GLN A 221 -6.02 -19.85 15.75
C GLN A 221 -5.93 -19.63 14.25
N ALA A 222 -5.50 -18.44 13.85
CA ALA A 222 -5.43 -18.10 12.43
C ALA A 222 -4.44 -19.01 11.70
N ILE A 223 -3.27 -19.27 12.30
CA ILE A 223 -2.28 -20.10 11.62
C ILE A 223 -2.83 -21.50 11.40
N HIS A 224 -3.49 -22.07 12.42
CA HIS A 224 -4.12 -23.38 12.24
C HIS A 224 -5.12 -23.37 11.10
N ALA A 225 -5.96 -22.32 11.04
CA ALA A 225 -6.95 -22.22 9.98
C ALA A 225 -6.31 -22.04 8.61
N ILE A 226 -5.35 -21.11 8.49
CA ILE A 226 -4.71 -20.87 7.21
C ILE A 226 -3.92 -22.09 6.77
N GLY A 227 -3.21 -22.71 7.71
CA GLY A 227 -2.40 -23.88 7.39
C GLY A 227 -3.24 -25.05 6.90
N LYS A 228 -4.40 -25.29 7.53
CA LYS A 228 -5.27 -26.37 7.08
C LYS A 228 -5.84 -26.06 5.70
N ALA A 229 -6.18 -24.79 5.46
CA ALA A 229 -6.67 -24.42 4.14
C ALA A 229 -5.56 -24.49 3.09
N SER A 230 -4.35 -24.09 3.46
CA SER A 230 -3.22 -24.18 2.53
C SER A 230 -3.03 -25.61 2.04
N ASN A 231 -3.14 -26.58 2.97
CA ASN A 231 -3.15 -28.00 2.63
C ASN A 231 -1.90 -28.41 1.84
N GLY A 232 -0.74 -27.88 2.23
CA GLY A 232 0.51 -28.28 1.63
C GLY A 232 0.92 -27.55 0.37
N ARG A 233 0.17 -26.52 -0.05
CA ARG A 233 0.54 -25.74 -1.24
C ARG A 233 1.86 -25.01 -1.09
N GLY A 234 2.32 -24.76 0.13
CA GLY A 234 3.65 -24.22 0.35
C GLY A 234 3.67 -22.72 0.46
N ILE A 235 4.87 -22.20 0.70
CA ILE A 235 5.02 -20.79 1.06
C ILE A 235 4.83 -19.84 -0.12
N TYR A 236 5.02 -20.31 -1.35
CA TYR A 236 4.87 -19.42 -2.50
C TYR A 236 3.43 -19.39 -3.01
N GLU A 237 2.89 -20.56 -3.35
CA GLU A 237 1.56 -20.62 -3.95
C GLU A 237 0.45 -20.51 -2.90
N GLY A 238 0.73 -20.94 -1.68
CA GLY A 238 -0.30 -21.03 -0.67
C GLY A 238 -0.35 -19.79 0.18
N PRO A 239 -1.44 -19.64 0.93
CA PRO A 239 -1.61 -18.45 1.78
C PRO A 239 -0.60 -18.40 2.92
N GLY A 240 -0.40 -17.19 3.43
CA GLY A 240 0.43 -17.01 4.60
C GLY A 240 -0.23 -16.07 5.58
N ILE A 241 0.50 -15.67 6.62
CA ILE A 241 -0.05 -14.79 7.64
C ILE A 241 0.93 -13.63 7.83
N SER A 242 0.39 -12.48 8.25
CA SER A 242 1.17 -11.31 8.59
C SER A 242 0.92 -10.97 10.06
N ILE A 243 1.98 -10.69 10.80
CA ILE A 243 1.83 -10.40 12.23
C ILE A 243 2.47 -9.04 12.55
N LYS A 244 1.94 -8.42 13.58
CA LYS A 244 2.50 -7.17 14.09
C LYS A 244 3.11 -7.44 15.46
N LEU A 245 4.40 -7.15 15.60
CA LEU A 245 5.05 -7.37 16.88
C LEU A 245 4.42 -6.56 18.00
N SER A 246 3.87 -5.37 17.68
CA SER A 246 3.26 -4.54 18.70
C SER A 246 2.03 -5.20 19.32
N ALA A 247 1.42 -6.17 18.63
CA ALA A 247 0.28 -6.89 19.19
C ALA A 247 0.69 -7.94 20.21
N LEU A 248 1.96 -8.35 20.21
CA LEU A 248 2.41 -9.50 20.98
C LEU A 248 3.12 -9.10 22.25
N HIS A 249 3.26 -7.80 22.52
CA HIS A 249 3.96 -7.38 23.70
C HIS A 249 3.27 -6.11 24.21
N PRO A 250 2.91 -6.05 25.48
CA PRO A 250 2.21 -4.86 26.00
C PRO A 250 3.12 -3.64 25.98
N ARG A 251 2.58 -2.52 25.51
CA ARG A 251 3.31 -1.25 25.52
C ARG A 251 4.63 -1.40 24.77
N TYR A 252 4.55 -2.03 23.59
CA TYR A 252 5.72 -2.29 22.75
C TYR A 252 6.42 -1.00 22.36
N SER A 253 5.65 0.09 22.21
CA SER A 253 6.22 1.37 21.77
C SER A 253 7.38 1.83 22.64
N ARG A 254 7.40 1.48 23.92
CA ARG A 254 8.49 1.91 24.80
C ARG A 254 9.21 0.73 25.44
N ALA A 255 9.00 -0.48 24.93
CA ALA A 255 9.51 -1.66 25.62
C ALA A 255 11.03 -1.76 25.49
N GLN A 256 11.67 -2.23 26.55
CA GLN A 256 13.12 -2.38 26.57
C GLN A 256 13.54 -3.74 26.02
N TYR A 257 14.79 -3.80 25.53
CA TYR A 257 15.31 -5.00 24.89
C TYR A 257 15.13 -6.24 25.77
N ASP A 258 15.47 -6.14 27.05
CA ASP A 258 15.48 -7.31 27.92
C ASP A 258 14.09 -7.93 28.03
N ARG A 259 13.06 -7.11 28.24
CA ARG A 259 11.72 -7.66 28.37
C ARG A 259 11.21 -8.19 27.04
N VAL A 260 11.61 -7.56 25.93
CA VAL A 260 11.15 -8.01 24.63
C VAL A 260 11.71 -9.40 24.30
N MET A 261 12.99 -9.62 24.57
CA MET A 261 13.60 -10.93 24.31
C MET A 261 13.02 -11.99 25.24
N GLU A 262 12.79 -11.63 26.51
CA GLU A 262 12.24 -12.57 27.48
C GLU A 262 10.81 -12.98 27.12
N GLU A 263 10.01 -12.03 26.64
CA GLU A 263 8.56 -12.23 26.57
C GLU A 263 8.04 -12.25 25.15
N LEU A 264 8.39 -11.27 24.32
CA LEU A 264 7.87 -11.26 22.96
C LEU A 264 8.47 -12.39 22.14
N TYR A 265 9.79 -12.56 22.21
CA TYR A 265 10.44 -13.52 21.33
C TYR A 265 9.90 -14.94 21.46
N PRO A 266 9.69 -15.50 22.66
CA PRO A 266 9.11 -16.85 22.72
C PRO A 266 7.77 -16.95 21.99
N ARG A 267 6.98 -15.87 21.98
CA ARG A 267 5.74 -15.88 21.23
C ARG A 267 6.01 -15.86 19.73
N LEU A 268 6.92 -15.00 19.27
CA LEU A 268 7.28 -14.99 17.86
C LEU A 268 7.80 -16.34 17.41
N LYS A 269 8.70 -16.95 18.19
CA LYS A 269 9.21 -18.28 17.84
C LYS A 269 8.09 -19.30 17.76
N SER A 270 7.17 -19.27 18.73
CA SER A 270 6.08 -20.25 18.77
C SER A 270 5.23 -20.16 17.52
N LEU A 271 4.85 -18.94 17.13
CA LEU A 271 4.06 -18.77 15.92
C LEU A 271 4.82 -19.23 14.68
N THR A 272 6.12 -18.92 14.62
CA THR A 272 6.88 -19.25 13.42
C THR A 272 7.07 -20.76 13.29
N LEU A 273 7.30 -21.45 14.41
CA LEU A 273 7.38 -22.91 14.37
C LEU A 273 6.07 -23.53 13.90
N LEU A 274 4.95 -22.96 14.34
CA LEU A 274 3.64 -23.46 13.91
C LEU A 274 3.42 -23.22 12.42
N ALA A 275 3.80 -22.02 11.93
CA ALA A 275 3.72 -21.77 10.50
C ALA A 275 4.59 -22.75 9.73
N ARG A 276 5.78 -23.05 10.26
CA ARG A 276 6.66 -24.00 9.60
C ARG A 276 6.02 -25.39 9.52
N GLN A 277 5.33 -25.79 10.60
CA GLN A 277 4.68 -27.10 10.59
C GLN A 277 3.64 -27.21 9.48
N TYR A 278 2.96 -26.12 9.16
CA TYR A 278 1.99 -26.11 8.06
C TYR A 278 2.61 -25.66 6.74
N ASP A 279 3.89 -25.30 6.72
CA ASP A 279 4.56 -24.79 5.52
C ASP A 279 3.81 -23.59 4.91
N ILE A 280 3.53 -22.58 5.74
CA ILE A 280 2.96 -21.33 5.27
C ILE A 280 3.91 -20.20 5.62
N GLY A 281 3.89 -19.15 4.80
CA GLY A 281 4.71 -17.99 5.05
C GLY A 281 4.20 -17.22 6.26
N ILE A 282 5.13 -16.70 7.05
CA ILE A 282 4.78 -15.87 8.20
C ILE A 282 5.60 -14.59 8.10
N ASN A 283 4.90 -13.47 7.96
CA ASN A 283 5.52 -12.18 7.64
C ASN A 283 5.46 -11.26 8.84
N ILE A 284 6.60 -10.63 9.15
CA ILE A 284 6.67 -9.66 10.24
C ILE A 284 6.46 -8.26 9.65
N ASP A 285 5.30 -7.66 9.91
CA ASP A 285 5.00 -6.32 9.42
C ASP A 285 5.94 -5.29 10.03
N ALA A 286 6.16 -4.20 9.28
CA ALA A 286 6.98 -3.10 9.75
C ALA A 286 6.08 -2.00 10.32
N GLU A 287 6.44 -1.47 11.48
CA GLU A 287 5.61 -0.45 12.11
C GLU A 287 6.44 0.83 12.27
N GLU A 288 6.38 1.48 13.42
CA GLU A 288 7.04 2.79 13.54
C GLU A 288 8.56 2.65 13.48
N SER A 289 9.23 3.75 13.07
CA SER A 289 10.65 3.65 12.78
C SER A 289 11.48 3.40 14.04
N ASP A 290 11.02 3.85 15.21
CA ASP A 290 11.85 3.59 16.39
C ASP A 290 11.78 2.14 16.85
N ARG A 291 11.04 1.28 16.15
CA ARG A 291 11.03 -0.15 16.47
C ARG A 291 11.81 -0.98 15.46
N LEU A 292 12.41 -0.33 14.46
CA LEU A 292 13.17 -1.09 13.45
C LEU A 292 14.28 -1.90 14.10
N GLU A 293 15.04 -1.26 15.00
CA GLU A 293 16.21 -1.92 15.57
C GLU A 293 15.83 -3.18 16.35
N ILE A 294 14.84 -3.07 17.24
CA ILE A 294 14.47 -4.25 18.02
C ILE A 294 13.91 -5.34 17.12
N SER A 295 13.24 -4.97 16.04
CA SER A 295 12.71 -5.99 15.13
C SER A 295 13.83 -6.76 14.43
N LEU A 296 14.95 -6.08 14.14
CA LEU A 296 16.09 -6.79 13.55
C LEU A 296 16.73 -7.74 14.56
N ASP A 297 16.80 -7.33 15.83
CA ASP A 297 17.28 -8.23 16.86
C ASP A 297 16.42 -9.49 16.96
N LEU A 298 15.10 -9.33 16.92
CA LEU A 298 14.20 -10.48 16.96
C LEU A 298 14.38 -11.37 15.73
N LEU A 299 14.47 -10.76 14.55
CA LEU A 299 14.66 -11.52 13.32
C LEU A 299 15.96 -12.31 13.34
N GLU A 300 17.04 -11.67 13.80
CA GLU A 300 18.34 -12.32 13.88
C GLU A 300 18.27 -13.61 14.68
N LYS A 301 17.64 -13.54 15.86
CA LYS A 301 17.54 -14.70 16.74
C LYS A 301 16.66 -15.78 16.11
N LEU A 302 15.55 -15.36 15.50
CA LEU A 302 14.61 -16.30 14.90
C LEU A 302 15.29 -17.11 13.80
N CYS A 303 16.06 -16.45 12.93
CA CYS A 303 16.64 -17.13 11.78
C CYS A 303 17.63 -18.21 12.17
N PHE A 304 18.09 -18.24 13.41
CA PHE A 304 19.04 -19.27 13.82
C PHE A 304 18.41 -20.35 14.69
N GLU A 305 17.09 -20.39 14.77
CA GLU A 305 16.44 -21.47 15.49
C GLU A 305 16.64 -22.80 14.75
N PRO A 306 17.13 -23.85 15.44
CA PRO A 306 17.37 -25.13 14.76
C PRO A 306 16.13 -25.71 14.12
N GLU A 307 14.96 -25.53 14.73
CA GLU A 307 13.75 -26.11 14.17
C GLU A 307 13.31 -25.41 12.89
N LEU A 308 13.94 -24.28 12.55
CA LEU A 308 13.65 -23.55 11.33
C LEU A 308 14.73 -23.72 10.27
N ALA A 309 15.72 -24.58 10.52
CA ALA A 309 16.81 -24.76 9.58
C ALA A 309 16.27 -25.33 8.27
N GLY A 310 16.76 -24.78 7.16
CA GLY A 310 16.34 -25.26 5.85
C GLY A 310 14.95 -24.85 5.42
N TRP A 311 14.27 -24.00 6.18
CA TRP A 311 12.93 -23.55 5.85
C TRP A 311 12.98 -22.07 5.50
N ASN A 312 12.28 -21.70 4.44
CA ASN A 312 12.40 -20.35 3.87
C ASN A 312 11.12 -19.52 4.03
N GLY A 313 10.28 -19.86 4.98
CA GLY A 313 9.01 -19.18 5.10
C GLY A 313 9.00 -17.93 5.94
N ILE A 314 10.12 -17.56 6.56
CA ILE A 314 10.17 -16.33 7.35
C ILE A 314 10.15 -15.14 6.41
N GLY A 315 9.24 -14.19 6.69
CA GLY A 315 9.12 -12.98 5.90
C GLY A 315 9.29 -11.75 6.77
N PHE A 316 9.75 -10.67 6.15
CA PHE A 316 10.07 -9.43 6.86
C PHE A 316 9.81 -8.24 5.94
N VAL A 317 9.12 -7.19 6.46
CA VAL A 317 8.82 -5.98 5.68
C VAL A 317 9.93 -4.97 5.88
N ILE A 318 10.33 -4.29 4.82
CA ILE A 318 11.20 -3.12 4.93
C ILE A 318 10.55 -1.94 4.22
N GLN A 319 10.69 -0.75 4.80
CA GLN A 319 9.97 0.45 4.36
C GLN A 319 10.93 1.35 3.61
N ALA A 320 10.68 1.53 2.31
CA ALA A 320 11.57 2.35 1.49
C ALA A 320 11.52 3.84 1.86
N TYR A 321 10.52 4.30 2.60
CA TYR A 321 10.58 5.73 2.93
C TYR A 321 11.59 6.03 4.03
N GLN A 322 12.21 5.02 4.61
CA GLN A 322 13.23 5.23 5.63
C GLN A 322 14.60 5.42 4.99
N LYS A 323 15.39 6.32 5.56
CA LYS A 323 16.74 6.49 5.08
C LYS A 323 17.59 5.24 5.30
N ARG A 324 17.24 4.42 6.30
CA ARG A 324 17.98 3.22 6.61
C ARG A 324 17.72 2.06 5.65
N CYS A 325 16.72 2.15 4.79
CA CYS A 325 16.26 0.96 4.06
C CYS A 325 17.37 0.27 3.27
N PRO A 326 18.18 0.96 2.45
CA PRO A 326 19.22 0.23 1.69
C PRO A 326 20.24 -0.45 2.60
N LEU A 327 20.52 0.15 3.76
CA LEU A 327 21.43 -0.46 4.72
C LEU A 327 20.79 -1.66 5.39
N VAL A 328 19.48 -1.63 5.62
CA VAL A 328 18.81 -2.81 6.14
C VAL A 328 18.92 -3.96 5.14
N ILE A 329 18.87 -3.65 3.84
CA ILE A 329 18.97 -4.71 2.84
C ILE A 329 20.34 -5.38 2.91
N ASP A 330 21.41 -4.59 3.07
CA ASP A 330 22.74 -5.19 3.19
C ASP A 330 22.81 -6.12 4.39
N TYR A 331 22.20 -5.71 5.51
CA TYR A 331 22.14 -6.56 6.69
C TYR A 331 21.38 -7.84 6.40
N LEU A 332 20.22 -7.72 5.74
CA LEU A 332 19.39 -8.89 5.47
C LEU A 332 20.08 -9.85 4.51
N ILE A 333 20.78 -9.32 3.52
CA ILE A 333 21.56 -10.15 2.61
C ILE A 333 22.57 -10.97 3.40
N ASP A 334 23.29 -10.32 4.31
CA ASP A 334 24.26 -11.02 5.13
C ASP A 334 23.59 -12.04 6.06
N LEU A 335 22.41 -11.70 6.59
CA LEU A 335 21.71 -12.62 7.49
C LEU A 335 21.24 -13.87 6.76
N ALA A 336 20.67 -13.70 5.56
CA ALA A 336 20.29 -14.87 4.77
C ALA A 336 21.50 -15.75 4.49
N THR A 337 22.65 -15.15 4.22
CA THR A 337 23.86 -15.94 3.98
C THR A 337 24.28 -16.70 5.23
N ARG A 338 24.40 -16.00 6.36
CA ARG A 338 24.85 -16.64 7.59
C ARG A 338 23.88 -17.70 8.09
N SER A 339 22.57 -17.44 7.98
CA SER A 339 21.59 -18.37 8.50
C SER A 339 21.12 -19.38 7.45
N ARG A 340 21.66 -19.31 6.23
CA ARG A 340 21.47 -20.30 5.18
C ARG A 340 19.99 -20.50 4.84
N ARG A 341 19.35 -19.41 4.43
CA ARG A 341 17.97 -19.45 4.04
CA ARG A 341 17.98 -19.48 4.00
C ARG A 341 17.72 -18.40 2.97
N ARG A 342 16.57 -18.50 2.33
CA ARG A 342 16.05 -17.46 1.45
C ARG A 342 14.99 -16.72 2.25
N LEU A 343 15.19 -15.42 2.49
CA LEU A 343 14.23 -14.62 3.21
C LEU A 343 13.16 -14.11 2.25
N MET A 344 11.90 -14.10 2.69
CA MET A 344 10.83 -13.46 1.94
C MET A 344 10.78 -12.00 2.40
N ILE A 345 11.06 -11.06 1.51
CA ILE A 345 11.19 -9.65 1.90
C ILE A 345 10.14 -8.84 1.17
N ARG A 346 9.19 -8.28 1.92
CA ARG A 346 8.18 -7.40 1.37
C ARG A 346 8.76 -5.99 1.35
N LEU A 347 8.96 -5.45 0.17
CA LEU A 347 9.40 -4.07 0.03
C LEU A 347 8.17 -3.19 -0.10
N VAL A 348 8.00 -2.25 0.83
CA VAL A 348 6.89 -1.32 0.81
C VAL A 348 7.45 0.09 0.82
N LYS A 349 6.58 1.07 0.56
CA LYS A 349 7.00 2.45 0.79
C LYS A 349 6.86 2.79 2.26
N GLY A 350 5.65 2.75 2.79
CA GLY A 350 5.47 2.80 4.23
C GLY A 350 4.15 3.46 4.59
N ALA A 351 3.58 3.02 5.71
CA ALA A 351 2.21 3.38 6.07
C ALA A 351 2.10 4.45 7.15
N TYR A 352 3.20 4.86 7.77
CA TYR A 352 3.14 5.71 8.95
C TYR A 352 3.74 7.09 8.74
N TRP A 353 3.80 7.57 7.50
CA TRP A 353 4.60 8.75 7.20
C TRP A 353 4.15 9.96 8.02
N ASP A 354 2.85 10.22 8.07
CA ASP A 354 2.36 11.39 8.78
C ASP A 354 2.77 11.37 10.26
N SER A 355 2.69 10.19 10.89
CA SER A 355 3.08 10.07 12.29
C SER A 355 4.58 10.19 12.46
N GLU A 356 5.35 9.68 11.50
CA GLU A 356 6.80 9.79 11.57
C GLU A 356 7.24 11.24 11.56
N ILE A 357 6.66 12.05 10.67
CA ILE A 357 7.03 13.48 10.63
C ILE A 357 6.69 14.14 11.95
N LYS A 358 5.47 13.95 12.44
CA LYS A 358 5.04 14.57 13.69
C LYS A 358 5.93 14.14 14.86
N ARG A 359 6.20 12.84 14.96
CA ARG A 359 7.08 12.30 16.00
C ARG A 359 8.44 12.97 15.99
N ALA A 360 9.05 13.06 14.80
CA ALA A 360 10.39 13.65 14.71
C ALA A 360 10.38 15.13 15.05
N GLN A 361 9.31 15.85 14.68
CA GLN A 361 9.25 17.25 15.03
C GLN A 361 9.10 17.45 16.53
N MET A 362 8.40 16.53 17.20
CA MET A 362 8.25 16.64 18.65
C MET A 362 9.55 16.27 19.37
N ASP A 363 10.36 15.39 18.80
CA ASP A 363 11.57 14.97 19.49
C ASP A 363 12.76 15.90 19.26
N GLY A 364 12.64 16.86 18.34
CA GLY A 364 13.68 17.86 18.13
C GLY A 364 15.06 17.32 17.82
N LEU A 365 15.16 16.23 17.06
CA LEU A 365 16.47 15.66 16.74
C LEU A 365 17.02 16.28 15.46
N GLU A 366 18.17 15.78 15.01
CA GLU A 366 18.90 16.42 13.92
C GLU A 366 18.21 16.29 12.57
N GLY A 367 17.28 15.36 12.42
CA GLY A 367 16.59 15.21 11.16
C GLY A 367 15.43 14.25 11.24
N TYR A 368 15.01 13.78 10.09
CA TYR A 368 13.92 12.85 9.99
C TYR A 368 14.43 11.46 9.64
N PRO A 369 13.79 10.40 10.14
CA PRO A 369 14.16 9.04 9.70
C PRO A 369 13.53 8.65 8.37
N VAL A 370 12.62 9.47 7.85
CA VAL A 370 11.97 9.27 6.58
C VAL A 370 12.25 10.46 5.67
N TYR A 371 12.02 10.25 4.38
CA TYR A 371 12.09 11.34 3.40
C TYR A 371 10.91 12.28 3.59
N THR A 372 11.07 13.51 3.13
CA THR A 372 10.02 14.52 3.24
C THR A 372 9.35 14.87 1.91
N ARG A 373 9.91 14.43 0.79
CA ARG A 373 9.23 14.53 -0.51
C ARG A 373 8.91 13.14 -1.01
N LYS A 374 7.67 12.98 -1.50
CA LYS A 374 7.21 11.65 -1.89
C LYS A 374 8.08 11.07 -3.01
N VAL A 375 8.54 11.91 -3.94
CA VAL A 375 9.34 11.38 -5.06
C VAL A 375 10.64 10.75 -4.57
N TYR A 376 11.18 11.22 -3.43
CA TYR A 376 12.39 10.59 -2.89
C TYR A 376 12.10 9.18 -2.42
N THR A 377 10.94 8.96 -1.80
CA THR A 377 10.55 7.60 -1.42
C THR A 377 10.43 6.71 -2.64
N ASP A 378 9.91 7.26 -3.76
CA ASP A 378 9.83 6.46 -4.99
C ASP A 378 11.22 6.08 -5.49
N VAL A 379 12.17 7.02 -5.42
CA VAL A 379 13.54 6.74 -5.84
C VAL A 379 14.16 5.67 -4.95
N SER A 380 13.96 5.81 -3.64
CA SER A 380 14.44 4.82 -2.67
C SER A 380 13.89 3.43 -2.99
N TYR A 381 12.59 3.33 -3.27
CA TYR A 381 11.99 2.04 -3.58
C TYR A 381 12.64 1.41 -4.81
N LEU A 382 12.88 2.19 -5.86
CA LEU A 382 13.48 1.62 -7.07
C LEU A 382 14.91 1.15 -6.80
N ALA A 383 15.70 1.96 -6.10
CA ALA A 383 17.05 1.54 -5.74
C ALA A 383 17.02 0.27 -4.90
N CYS A 384 16.12 0.21 -3.91
CA CYS A 384 16.03 -0.97 -3.06
C CYS A 384 15.57 -2.17 -3.85
N ALA A 385 14.66 -1.98 -4.80
CA ALA A 385 14.19 -3.11 -5.61
C ALA A 385 15.32 -3.72 -6.42
N LYS A 386 16.17 -2.89 -7.02
CA LYS A 386 17.33 -3.42 -7.73
C LYS A 386 18.22 -4.25 -6.83
N LYS A 387 18.47 -3.76 -5.61
CA LYS A 387 19.30 -4.48 -4.66
C LYS A 387 18.71 -5.83 -4.33
N LEU A 388 17.39 -5.90 -4.14
CA LEU A 388 16.75 -7.16 -3.80
C LEU A 388 16.78 -8.13 -4.97
N LEU A 389 16.49 -7.65 -6.18
CA LEU A 389 16.45 -8.54 -7.35
C LEU A 389 17.81 -9.11 -7.71
N ALA A 390 18.90 -8.51 -7.22
CA ALA A 390 20.24 -8.96 -7.57
C ALA A 390 20.64 -10.25 -6.85
N VAL A 391 19.91 -10.64 -5.81
CA VAL A 391 20.32 -11.78 -4.98
C VAL A 391 19.21 -12.81 -4.87
N PRO A 392 18.75 -13.40 -5.98
CA PRO A 392 17.60 -14.31 -5.91
C PRO A 392 17.84 -15.55 -5.07
N ASN A 393 19.10 -15.94 -4.86
CA ASN A 393 19.38 -17.08 -3.98
C ASN A 393 19.12 -16.75 -2.52
N LEU A 394 19.11 -15.46 -2.13
CA LEU A 394 19.05 -15.06 -0.74
C LEU A 394 17.74 -14.42 -0.35
N ILE A 395 17.02 -13.84 -1.32
CA ILE A 395 15.82 -13.07 -1.03
C ILE A 395 14.76 -13.41 -2.08
N TYR A 396 13.53 -13.64 -1.61
CA TYR A 396 12.36 -13.66 -2.48
C TYR A 396 11.68 -12.30 -2.33
N PRO A 397 11.83 -11.39 -3.29
CA PRO A 397 11.24 -10.06 -3.13
C PRO A 397 9.74 -10.09 -3.38
N GLN A 398 9.02 -9.34 -2.54
CA GLN A 398 7.58 -9.19 -2.62
C GLN A 398 7.30 -7.69 -2.73
N PHE A 399 6.92 -7.25 -3.92
CA PHE A 399 6.87 -5.83 -4.24
C PHE A 399 5.45 -5.32 -4.05
N ALA A 400 5.22 -4.71 -2.89
CA ALA A 400 3.90 -4.21 -2.51
C ALA A 400 3.74 -2.80 -3.06
N THR A 401 2.76 -2.60 -3.94
CA THR A 401 2.48 -1.27 -4.48
C THR A 401 1.15 -1.26 -5.21
N HIS A 402 0.48 -0.11 -5.21
CA HIS A 402 -0.68 0.14 -6.06
C HIS A 402 -0.35 1.15 -7.15
N ASN A 403 0.94 1.44 -7.36
CA ASN A 403 1.41 2.48 -8.25
C ASN A 403 1.80 1.84 -9.58
N ALA A 404 1.16 2.28 -10.67
CA ALA A 404 1.37 1.64 -11.97
C ALA A 404 2.80 1.83 -12.48
N HIS A 405 3.42 2.98 -12.19
CA HIS A 405 4.80 3.14 -12.62
C HIS A 405 5.73 2.25 -11.80
N THR A 406 5.54 2.22 -10.47
CA THR A 406 6.36 1.35 -9.63
C THR A 406 6.27 -0.09 -10.12
N LEU A 407 5.05 -0.55 -10.35
CA LEU A 407 4.85 -1.90 -10.84
C LEU A 407 5.58 -2.13 -12.17
N ALA A 408 5.38 -1.22 -13.13
CA ALA A 408 5.98 -1.37 -14.45
C ALA A 408 7.50 -1.32 -14.36
N ALA A 409 8.03 -0.48 -13.47
CA ALA A 409 9.47 -0.40 -13.30
C ALA A 409 10.04 -1.72 -12.79
N ILE A 410 9.40 -2.29 -11.76
CA ILE A 410 9.88 -3.55 -11.18
C ILE A 410 9.80 -4.65 -12.23
N TYR A 411 8.68 -4.71 -12.96
CA TYR A 411 8.53 -5.68 -14.04
C TYR A 411 9.69 -5.64 -15.03
N GLN A 412 10.13 -4.44 -15.41
CA GLN A 412 11.25 -4.36 -16.34
C GLN A 412 12.59 -4.63 -15.65
N LEU A 413 12.78 -4.13 -14.43
CA LEU A 413 14.02 -4.32 -13.69
C LEU A 413 14.30 -5.78 -13.38
N ALA A 414 13.25 -6.58 -13.21
CA ALA A 414 13.46 -8.00 -12.93
C ALA A 414 14.01 -8.76 -14.12
N GLY A 415 13.94 -8.19 -15.32
CA GLY A 415 14.66 -8.71 -16.47
C GLY A 415 13.89 -9.73 -17.26
N GLN A 416 14.57 -10.25 -18.27
CA GLN A 416 13.98 -11.30 -19.06
C GLN A 416 14.07 -12.61 -18.30
N ASN A 417 13.19 -13.54 -18.67
CA ASN A 417 13.19 -14.90 -18.15
C ASN A 417 12.65 -14.94 -16.73
N TYR A 418 11.47 -14.35 -16.56
CA TYR A 418 10.73 -14.51 -15.32
C TYR A 418 10.45 -15.99 -15.04
N TYR A 419 10.51 -16.36 -13.77
CA TYR A 419 10.05 -17.67 -13.28
C TYR A 419 9.29 -17.39 -11.98
N PRO A 420 8.23 -18.14 -11.68
CA PRO A 420 7.30 -17.69 -10.61
C PRO A 420 7.97 -17.38 -9.27
N GLY A 421 8.99 -18.16 -8.93
CA GLY A 421 9.73 -18.00 -7.69
C GLY A 421 10.74 -16.90 -7.73
N GLN A 422 10.74 -16.08 -8.79
CA GLN A 422 11.67 -14.96 -8.83
C GLN A 422 11.22 -13.86 -7.89
N TYR A 423 9.95 -13.49 -7.96
CA TYR A 423 9.40 -12.40 -7.15
C TYR A 423 7.88 -12.47 -7.29
N GLU A 424 7.18 -11.72 -6.43
CA GLU A 424 5.76 -11.53 -6.60
C GLU A 424 5.45 -10.08 -6.34
N PHE A 425 4.27 -9.64 -6.79
CA PHE A 425 3.72 -8.36 -6.35
C PHE A 425 2.79 -8.61 -5.15
N GLN A 426 2.46 -7.53 -4.43
CA GLN A 426 1.45 -7.57 -3.38
C GLN A 426 0.59 -6.31 -3.41
N CYS A 427 -0.62 -6.42 -2.87
CA CYS A 427 -1.53 -5.29 -2.79
C CYS A 427 -2.45 -5.46 -1.59
N LEU A 428 -3.09 -4.35 -1.20
CA LEU A 428 -4.04 -4.37 -0.10
C LEU A 428 -5.43 -4.68 -0.63
N HIS A 429 -6.15 -5.55 0.09
CA HIS A 429 -7.56 -5.78 -0.19
C HIS A 429 -8.31 -4.46 -0.30
N GLY A 430 -9.16 -4.35 -1.31
CA GLY A 430 -9.94 -3.14 -1.49
C GLY A 430 -9.20 -1.99 -2.16
N MET A 431 -7.94 -2.19 -2.54
CA MET A 431 -7.22 -1.15 -3.27
C MET A 431 -6.57 -1.68 -4.55
N GLY A 432 -6.17 -2.95 -4.56
CA GLY A 432 -5.34 -3.40 -5.66
C GLY A 432 -6.05 -3.90 -6.90
N GLU A 433 -7.34 -4.24 -6.76
CA GLU A 433 -8.03 -5.04 -7.77
C GLU A 433 -7.93 -4.49 -9.19
N PRO A 434 -8.26 -3.22 -9.48
CA PRO A 434 -8.26 -2.77 -10.88
C PRO A 434 -6.87 -2.75 -11.51
N LEU A 435 -5.83 -2.48 -10.73
CA LEU A 435 -4.48 -2.55 -11.29
C LEU A 435 -4.08 -4.01 -11.54
N TYR A 436 -4.25 -4.86 -10.52
CA TYR A 436 -3.73 -6.21 -10.62
C TYR A 436 -4.62 -7.13 -11.45
N GLU A 437 -5.84 -6.70 -11.79
CA GLU A 437 -6.61 -7.44 -12.77
C GLU A 437 -5.92 -7.46 -14.13
N GLN A 438 -5.08 -6.46 -14.43
CA GLN A 438 -4.30 -6.46 -15.66
C GLN A 438 -3.00 -7.24 -15.53
N VAL A 439 -2.66 -7.71 -14.34
CA VAL A 439 -1.33 -8.22 -14.03
C VAL A 439 -1.35 -9.73 -13.84
N THR A 440 -2.22 -10.21 -12.96
CA THR A 440 -2.27 -11.62 -12.58
C THR A 440 -3.26 -12.34 -13.48
N GLY A 441 -2.81 -13.39 -14.14
CA GLY A 441 -3.63 -14.10 -15.11
C GLY A 441 -2.87 -14.43 -16.38
N LYS A 442 -3.54 -15.01 -17.37
CA LYS A 442 -2.86 -15.52 -18.54
C LYS A 442 -2.50 -14.42 -19.53
N VAL A 443 -1.35 -14.58 -20.20
CA VAL A 443 -0.97 -13.67 -21.27
C VAL A 443 -2.03 -13.68 -22.37
N ALA A 444 -2.65 -14.84 -22.61
CA ALA A 444 -3.67 -14.94 -23.65
C ALA A 444 -4.91 -14.12 -23.31
N ASP A 445 -5.15 -13.87 -22.02
CA ASP A 445 -6.23 -13.01 -21.58
C ASP A 445 -5.81 -11.55 -21.50
N GLY A 446 -4.61 -11.23 -21.98
CA GLY A 446 -4.14 -9.86 -21.98
C GLY A 446 -3.47 -9.41 -20.70
N LYS A 447 -3.08 -10.34 -19.82
CA LYS A 447 -2.43 -10.02 -18.55
C LYS A 447 -0.92 -10.16 -18.67
N LEU A 448 -0.23 -9.72 -17.62
CA LEU A 448 1.23 -9.83 -17.58
C LEU A 448 1.71 -11.18 -17.07
N ASN A 449 0.82 -11.99 -16.50
CA ASN A 449 1.18 -13.28 -15.92
C ASN A 449 2.24 -13.14 -14.84
N ARG A 450 1.97 -12.24 -13.88
CA ARG A 450 2.79 -12.17 -12.67
C ARG A 450 1.90 -12.31 -11.45
N PRO A 451 2.32 -13.07 -10.44
CA PRO A 451 1.47 -13.30 -9.27
C PRO A 451 1.42 -12.08 -8.36
N CYS A 452 0.29 -11.95 -7.67
CA CYS A 452 0.06 -10.89 -6.69
C CYS A 452 -0.53 -11.51 -5.43
N ARG A 453 0.04 -11.17 -4.28
CA ARG A 453 -0.48 -11.63 -3.01
C ARG A 453 -1.29 -10.51 -2.37
N ILE A 454 -2.54 -10.80 -2.03
CA ILE A 454 -3.44 -9.82 -1.44
C ILE A 454 -3.32 -9.85 0.07
N TYR A 455 -3.03 -8.69 0.66
CA TYR A 455 -3.00 -8.52 2.11
C TYR A 455 -4.44 -8.39 2.60
N ALA A 456 -4.86 -9.32 3.45
CA ALA A 456 -6.29 -9.49 3.76
C ALA A 456 -6.55 -9.28 5.24
N PRO A 457 -7.00 -8.07 5.64
CA PRO A 457 -7.32 -7.83 7.05
C PRO A 457 -8.55 -8.62 7.48
N VAL A 458 -8.48 -9.17 8.68
CA VAL A 458 -9.56 -9.99 9.25
C VAL A 458 -9.85 -9.46 10.66
N GLY A 459 -11.12 -9.13 10.92
CA GLY A 459 -11.48 -8.68 12.25
C GLY A 459 -12.83 -7.99 12.27
N THR A 460 -13.29 -7.69 13.49
CA THR A 460 -14.52 -6.94 13.68
C THR A 460 -14.20 -5.46 13.86
N HIS A 461 -15.27 -4.67 14.07
CA HIS A 461 -15.14 -3.22 14.18
C HIS A 461 -14.20 -2.80 15.31
N GLU A 462 -14.11 -3.62 16.37
CA GLU A 462 -13.30 -3.28 17.53
C GLU A 462 -11.80 -3.28 17.27
N THR A 463 -11.35 -3.78 16.11
CA THR A 463 -9.94 -3.85 15.79
C THR A 463 -9.57 -3.04 14.56
N LEU A 464 -10.50 -2.26 14.01
CA LEU A 464 -10.33 -1.69 12.68
C LEU A 464 -9.74 -0.28 12.69
N LEU A 465 -9.80 0.43 13.81
CA LEU A 465 -9.61 1.89 13.77
C LEU A 465 -8.26 2.29 13.19
N ALA A 466 -7.16 1.77 13.76
CA ALA A 466 -5.84 2.24 13.35
C ALA A 466 -5.57 1.94 11.88
N TYR A 467 -5.99 0.77 11.43
CA TYR A 467 -5.77 0.38 10.03
C TYR A 467 -6.56 1.29 9.10
N LEU A 468 -7.83 1.54 9.43
CA LEU A 468 -8.65 2.42 8.60
C LEU A 468 -8.04 3.81 8.50
N VAL A 469 -7.58 4.36 9.62
CA VAL A 469 -6.97 5.69 9.59
C VAL A 469 -5.80 5.71 8.61
N ARG A 470 -4.92 4.70 8.68
CA ARG A 470 -3.79 4.67 7.75
C ARG A 470 -4.28 4.58 6.30
N ARG A 471 -5.37 3.86 6.05
CA ARG A 471 -5.90 3.80 4.69
C ARG A 471 -6.47 5.14 4.25
N LEU A 472 -7.12 5.89 5.17
CA LEU A 472 -7.60 7.22 4.82
C LEU A 472 -6.45 8.13 4.45
N LEU A 473 -5.35 8.07 5.22
CA LEU A 473 -4.19 8.91 4.92
C LEU A 473 -3.59 8.55 3.57
N GLU A 474 -3.55 7.25 3.26
CA GLU A 474 -3.03 6.78 1.99
C GLU A 474 -3.91 7.22 0.83
N ASN A 475 -5.21 7.00 0.93
CA ASN A 475 -6.09 7.27 -0.20
C ASN A 475 -6.37 8.75 -0.37
N GLY A 476 -6.29 9.53 0.71
CA GLY A 476 -6.64 10.94 0.65
C GLY A 476 -5.51 11.90 0.38
N ALA A 477 -4.27 11.43 0.37
CA ALA A 477 -3.14 12.34 0.17
C ALA A 477 -3.02 12.71 -1.30
N ASN A 478 -2.83 13.99 -1.59
CA ASN A 478 -2.76 14.38 -3.00
C ASN A 478 -1.47 13.91 -3.66
N THR A 479 -0.51 13.39 -2.89
CA THR A 479 0.71 12.79 -3.43
C THR A 479 0.55 11.32 -3.77
N SER A 480 -0.52 10.66 -3.34
CA SER A 480 -0.67 9.23 -3.58
C SER A 480 -1.10 8.96 -5.01
N PHE A 481 -0.50 7.92 -5.61
CA PHE A 481 -0.90 7.49 -6.93
C PHE A 481 -2.41 7.23 -7.02
N VAL A 482 -2.96 6.52 -6.04
CA VAL A 482 -4.38 6.18 -6.12
C VAL A 482 -5.24 7.44 -6.06
N ASN A 483 -4.74 8.50 -5.44
CA ASN A 483 -5.45 9.78 -5.44
C ASN A 483 -5.24 10.53 -6.76
N ARG A 484 -4.02 10.53 -7.27
CA ARG A 484 -3.73 11.27 -8.50
C ARG A 484 -4.35 10.60 -9.72
N ILE A 485 -4.48 9.27 -9.74
CA ILE A 485 -5.06 8.66 -10.93
C ILE A 485 -6.54 8.97 -11.02
N ALA A 486 -7.20 9.28 -9.91
CA ALA A 486 -8.59 9.69 -9.93
C ALA A 486 -8.77 11.15 -10.30
N ASP A 487 -7.68 11.88 -10.54
CA ASP A 487 -7.73 13.30 -10.91
C ASP A 487 -7.56 13.39 -12.43
N THR A 488 -8.67 13.40 -13.16
CA THR A 488 -8.62 13.41 -14.62
C THR A 488 -8.05 14.69 -15.21
N SER A 489 -7.73 15.70 -14.40
CA SER A 489 -7.03 16.86 -14.93
C SER A 489 -5.51 16.67 -14.94
N LEU A 490 -5.01 15.59 -14.34
CA LEU A 490 -3.58 15.29 -14.37
C LEU A 490 -3.28 14.35 -15.52
N PRO A 491 -2.47 14.75 -16.50
CA PRO A 491 -2.23 13.89 -17.66
C PRO A 491 -1.55 12.59 -17.27
N LEU A 492 -1.86 11.53 -18.02
CA LEU A 492 -1.25 10.23 -17.74
C LEU A 492 0.27 10.31 -17.70
N ASP A 493 0.87 11.09 -18.59
CA ASP A 493 2.33 11.14 -18.65
C ASP A 493 2.93 11.72 -17.37
N GLU A 494 2.27 12.72 -16.78
CA GLU A 494 2.75 13.23 -15.49
C GLU A 494 2.52 12.21 -14.38
N LEU A 495 1.40 11.48 -14.45
CA LEU A 495 1.08 10.49 -13.43
C LEU A 495 2.15 9.42 -13.34
N VAL A 496 2.64 8.94 -14.49
CA VAL A 496 3.58 7.82 -14.47
C VAL A 496 5.00 8.29 -14.74
N ALA A 497 5.29 9.55 -14.37
CA ALA A 497 6.60 10.13 -14.64
C ALA A 497 7.69 9.40 -13.86
N ASP A 498 8.85 9.27 -14.48
CA ASP A 498 9.99 8.60 -13.84
C ASP A 498 10.46 9.39 -12.63
N PRO A 499 10.59 8.77 -11.45
CA PRO A 499 11.00 9.54 -10.25
C PRO A 499 12.43 10.04 -10.30
N VAL A 500 13.37 9.28 -10.88
CA VAL A 500 14.74 9.76 -10.98
C VAL A 500 14.80 11.06 -11.79
N THR A 501 14.12 11.10 -12.94
CA THR A 501 14.10 12.32 -13.73
C THR A 501 13.40 13.46 -12.98
N ALA A 502 12.35 13.13 -12.23
CA ALA A 502 11.68 14.15 -11.43
C ALA A 502 12.63 14.78 -10.42
N VAL A 503 13.50 13.96 -9.81
CA VAL A 503 14.43 14.48 -8.80
C VAL A 503 15.47 15.36 -9.45
N GLU A 504 15.95 14.97 -10.64
CA GLU A 504 16.92 15.80 -11.33
C GLU A 504 16.31 17.12 -11.79
N LYS A 505 15.02 17.11 -12.14
CA LYS A 505 14.38 18.36 -12.51
C LYS A 505 14.29 19.30 -11.30
N LEU A 506 13.92 18.76 -10.14
CA LEU A 506 13.95 19.53 -8.91
C LEU A 506 15.34 20.09 -8.65
N ALA A 507 16.36 19.25 -8.81
CA ALA A 507 17.72 19.67 -8.53
C ALA A 507 18.13 20.83 -9.44
N GLN A 508 17.78 20.76 -10.72
CA GLN A 508 18.13 21.83 -11.65
C GLN A 508 17.43 23.13 -11.28
N GLN A 509 16.20 23.02 -10.77
CA GLN A 509 15.44 24.23 -10.42
C GLN A 509 15.92 24.82 -9.09
N GLU A 510 16.20 23.97 -8.11
CA GLU A 510 16.44 24.41 -6.74
C GLU A 510 17.90 24.62 -6.39
N GLY A 511 18.82 24.01 -7.12
CA GLY A 511 20.23 24.28 -6.94
C GLY A 511 21.02 23.14 -6.33
N GLN A 512 20.38 22.12 -5.77
CA GLN A 512 21.10 20.92 -5.39
C GLN A 512 20.10 19.78 -5.23
N THR A 513 20.65 18.56 -5.27
CA THR A 513 19.84 17.35 -5.31
C THR A 513 19.35 16.99 -3.92
N GLY A 514 18.08 16.59 -3.83
CA GLY A 514 17.56 16.04 -2.59
C GLY A 514 17.28 17.04 -1.49
N LEU A 515 16.93 18.28 -1.83
CA LEU A 515 16.55 19.21 -0.78
C LEU A 515 15.25 18.75 -0.11
N PRO A 516 15.12 18.97 1.19
CA PRO A 516 13.87 18.61 1.89
C PRO A 516 12.68 19.37 1.33
N HIS A 517 11.50 18.83 1.64
CA HIS A 517 10.26 19.50 1.30
C HIS A 517 10.26 20.92 1.86
N PRO A 518 9.93 21.94 1.05
CA PRO A 518 10.00 23.32 1.56
C PRO A 518 9.10 23.58 2.75
N LYS A 519 8.00 22.85 2.87
CA LYS A 519 7.06 23.02 3.97
C LYS A 519 7.34 22.08 5.15
N ILE A 520 8.45 21.35 5.12
CA ILE A 520 8.85 20.49 6.23
C ILE A 520 10.29 20.79 6.63
N PRO A 521 10.52 21.88 7.36
CA PRO A 521 11.87 22.18 7.85
C PRO A 521 12.33 21.15 8.86
N LEU A 522 13.62 21.23 9.18
CA LEU A 522 14.20 20.33 10.16
C LEU A 522 13.58 20.58 11.53
N PRO A 523 13.44 19.54 12.35
CA PRO A 523 12.79 19.70 13.67
C PRO A 523 13.35 20.84 14.50
N ARG A 524 14.66 21.05 14.47
CA ARG A 524 15.25 22.13 15.27
C ARG A 524 15.11 23.51 14.62
N ASP A 525 14.32 23.64 13.56
CA ASP A 525 14.15 24.93 12.91
C ASP A 525 12.75 25.52 13.11
PA FAD B . 2.46 5.60 -3.88
O1A FAD B . 3.37 5.51 -5.11
O2A FAD B . 1.30 6.50 -3.89
O5B FAD B . 3.21 6.09 -2.67
C5B FAD B . 2.59 6.55 -1.46
C4B FAD B . 3.60 6.51 -0.31
O4B FAD B . 4.60 7.51 -0.39
C3B FAD B . 3.01 6.69 1.05
O3B FAD B . 2.39 5.53 1.51
C2B FAD B . 4.21 7.00 1.86
O2B FAD B . 4.92 5.86 2.18
C1B FAD B . 5.05 7.79 0.91
N9A FAD B . 4.96 9.24 1.04
C8A FAD B . 3.82 10.02 0.95
N7A FAD B . 4.16 11.32 1.11
C5A FAD B . 5.53 11.44 1.28
C6A FAD B . 6.41 12.49 1.45
N6A FAD B . 5.96 13.88 1.48
N1A FAD B . 7.71 12.23 1.59
C2A FAD B . 8.23 10.97 1.56
N3A FAD B . 7.37 9.92 1.37
C4A FAD B . 6.06 10.11 1.23
N1 FAD B . 3.73 -0.17 5.14
C2 FAD B . 4.33 -0.29 6.42
O2 FAD B . 4.82 0.82 7.01
N3 FAD B . 4.45 -1.51 7.04
C4 FAD B . 3.96 -2.66 6.46
O4 FAD B . 4.10 -3.84 7.11
C4X FAD B . 3.29 -2.59 5.14
N5 FAD B . 2.77 -3.71 4.51
C5X FAD B . 2.17 -3.56 3.26
C6 FAD B . 1.62 -4.69 2.61
C7 FAD B . 1.04 -4.52 1.35
C7M FAD B . 0.45 -5.72 0.63
C8 FAD B . 0.97 -3.29 0.76
C8M FAD B . 0.34 -3.12 -0.59
C9 FAD B . 1.50 -2.17 1.40
C9A FAD B . 2.08 -2.33 2.64
N10 FAD B . 2.62 -1.17 3.27
C10 FAD B . 3.23 -1.29 4.52
C1' FAD B . 2.62 0.13 2.59
C2' FAD B . 1.55 1.14 2.93
O2' FAD B . 0.49 0.50 3.52
C3' FAD B . 1.13 1.79 1.60
O3' FAD B . 0.28 0.90 0.95
C4' FAD B . 2.24 2.15 0.62
O4' FAD B . 3.24 2.93 1.17
C5' FAD B . 1.71 2.83 -0.64
O5' FAD B . 2.69 2.82 -1.68
P FAD B . 2.15 2.79 -3.20
O1P FAD B . 0.98 1.81 -3.45
O2P FAD B . 3.49 2.63 -3.97
O3P FAD B . 1.73 4.41 -3.36
C01 ZPJ C . 0.03 -3.34 6.72
C02 ZPJ C . -0.70 -2.58 5.64
C03 ZPJ C . -0.05 -1.86 6.78
C04 ZPJ C . -0.99 -1.26 7.81
O05 ZPJ C . -1.48 -0.17 7.49
O06 ZPJ C . -1.20 -1.93 8.85
O1 PG4 D . 18.55 -8.29 -13.96
C1 PG4 D . 17.57 -8.65 -13.00
C2 PG4 D . 17.75 -10.05 -12.52
O2 PG4 D . 19.08 -10.22 -12.02
C3 PG4 D . 19.24 -11.39 -11.24
C4 PG4 D . 20.69 -11.58 -10.95
O3 PG4 D . 21.07 -12.90 -11.32
C5 PG4 D . 22.19 -12.78 -12.20
C6 PG4 D . 22.98 -14.05 -12.14
O4 PG4 D . 24.37 -13.86 -12.42
C7 PG4 D . 24.80 -12.61 -11.88
C8 PG4 D . 26.11 -12.79 -11.17
O5 PG4 D . 27.08 -11.92 -11.74
OH2 1PE E . -9.67 6.27 -3.22
C12 1PE E . -11.02 6.02 -2.94
C22 1PE E . -11.33 6.43 -1.51
OH3 1PE E . -11.04 5.38 -0.63
C13 1PE E . -12.10 5.57 1.50
C23 1PE E . -10.81 5.77 0.70
OH4 1PE E . -12.51 6.82 1.95
C14 1PE E . -14.18 8.52 2.04
C24 1PE E . -13.64 7.31 1.28
OH5 1PE E . -15.53 8.30 2.37
C15 1PE E . -17.81 8.53 1.72
C25 1PE E . -16.41 9.16 1.72
OH6 1PE E . -17.80 7.31 2.38
C16 1PE E . -18.92 5.28 3.01
C26 1PE E . -19.01 6.62 2.29
OH7 1PE E . -17.74 4.62 2.62
#